data_1ZAR
#
_entry.id   1ZAR
#
_cell.length_a   116.328
_cell.length_b   44.589
_cell.length_c   62.630
_cell.angle_alpha   90.00
_cell.angle_beta   93.88
_cell.angle_gamma   90.00
#
_symmetry.space_group_name_H-M   'C 1 2 1'
#
loop_
_entity.id
_entity.type
_entity.pdbx_description
1 polymer 'Rio2 kinase'
2 non-polymer 'MANGANESE (II) ION'
3 non-polymer "ADENOSINE-5'-DIPHOSPHATE"
4 non-polymer 1,2-ETHANEDIOL
5 water water
#
_entity_poly.entity_id   1
_entity_poly.type   'polypeptide(L)'
_entity_poly.pdbx_seq_one_letter_code
;MNIAELYGKMGKHSWRIMDAIFKNLWDYEYVPLQLISSHARIGEEKARNILKYLSDLRVVQNRQKDYEGSTFTFIGLSLY
SLHRLVRSGKVDAIGKLMGEGKESAVFNCYSEKFGECVVKFHKVGHTSFKKVKEKRDYGDLHFSVLAIRSARNEFRALQK
LQGLAVPKVYAWEGNAVLMELIDAKELYRVRVENPDEVLDMILEEVAKFYHRGIVHGDLSQYNVLVSEEGIWIIDFPQSV
EVGEEGWREILERDVRNIITYFSRTYRTEKDINSAIDRILQE
;
_entity_poly.pdbx_strand_id   A
#
loop_
_chem_comp.id
_chem_comp.type
_chem_comp.name
_chem_comp.formula
ADP non-polymer ADENOSINE-5'-DIPHOSPHATE 'C10 H15 N5 O10 P2'
EDO non-polymer 1,2-ETHANEDIOL 'C2 H6 O2'
MN non-polymer 'MANGANESE (II) ION' 'Mn 2'
#
# COMPACT_ATOMS: atom_id res chain seq x y z
N ASN A 2 -10.67 15.95 5.91
CA ASN A 2 -11.18 16.23 4.54
C ASN A 2 -11.64 15.00 3.76
N ILE A 3 -10.90 13.89 3.84
CA ILE A 3 -11.34 12.63 3.17
C ILE A 3 -12.74 12.20 3.64
N ALA A 4 -13.03 12.46 4.91
CA ALA A 4 -14.33 12.13 5.48
C ALA A 4 -15.41 13.07 4.92
N GLU A 5 -15.04 14.33 4.72
CA GLU A 5 -15.95 15.34 4.16
C GLU A 5 -16.26 15.00 2.71
N LEU A 6 -15.22 14.63 1.98
CA LEU A 6 -15.37 14.23 0.60
C LEU A 6 -16.32 13.03 0.50
N TYR A 7 -16.11 12.06 1.37
CA TYR A 7 -16.94 10.86 1.41
C TYR A 7 -18.41 11.23 1.58
N GLY A 8 -18.65 12.23 2.43
CA GLY A 8 -20.02 12.68 2.70
C GLY A 8 -20.72 13.41 1.56
N LYS A 9 -19.96 13.81 0.53
CA LYS A 9 -20.53 14.48 -0.64
C LYS A 9 -21.07 13.48 -1.67
N MET A 10 -20.80 12.20 -1.43
CA MET A 10 -21.11 11.13 -2.39
C MET A 10 -22.45 10.46 -2.17
N GLY A 11 -23.28 10.46 -3.20
CA GLY A 11 -24.56 9.77 -3.15
C GLY A 11 -24.48 8.43 -3.82
N LYS A 12 -25.60 7.70 -3.80
CA LYS A 12 -25.66 6.39 -4.42
C LYS A 12 -25.26 6.44 -5.90
N HIS A 13 -25.68 7.47 -6.63
CA HIS A 13 -25.37 7.56 -8.05
C HIS A 13 -23.90 7.80 -8.27
N SER A 14 -23.28 8.60 -7.39
CA SER A 14 -21.82 8.82 -7.48
C SER A 14 -21.03 7.53 -7.31
N TRP A 15 -21.37 6.75 -6.28
CA TRP A 15 -20.71 5.46 -6.08
C TRP A 15 -20.90 4.53 -7.28
N ARG A 16 -22.11 4.53 -7.88
CA ARG A 16 -22.37 3.69 -9.06
C ARG A 16 -21.48 4.07 -10.24
N ILE A 17 -21.28 5.38 -10.42
CA ILE A 17 -20.38 5.87 -11.47
C ILE A 17 -18.95 5.42 -11.19
N MET A 18 -18.53 5.53 -9.94
CA MET A 18 -17.18 5.11 -9.58
C MET A 18 -16.96 3.61 -9.76
N ASP A 19 -17.98 2.82 -9.42
CA ASP A 19 -17.95 1.35 -9.65
C ASP A 19 -17.74 1.03 -11.12
N ALA A 20 -18.47 1.76 -11.98
CA ALA A 20 -18.37 1.57 -13.42
C ALA A 20 -16.99 1.88 -13.97
N ILE A 21 -16.33 2.92 -13.46
CA ILE A 21 -14.94 3.16 -13.87
C ILE A 21 -14.09 1.99 -13.37
N PHE A 22 -14.18 1.70 -12.08
CA PHE A 22 -13.34 0.66 -11.47
C PHE A 22 -13.37 -0.65 -12.21
N LYS A 23 -14.56 -1.07 -12.61
CA LYS A 23 -14.77 -2.40 -13.21
C LYS A 23 -14.30 -2.47 -14.65
N ASN A 24 -13.92 -1.32 -15.19
CA ASN A 24 -13.45 -1.25 -16.58
C ASN A 24 -12.02 -0.78 -16.70
N LEU A 25 -11.33 -0.68 -15.58
CA LEU A 25 -9.92 -0.30 -15.57
C LEU A 25 -9.03 -1.35 -16.23
N TRP A 26 -9.51 -2.59 -16.29
CA TRP A 26 -8.69 -3.70 -16.79
C TRP A 26 -8.39 -3.55 -18.27
N ASP A 27 -9.23 -2.83 -19.00
CA ASP A 27 -8.95 -2.68 -20.42
C ASP A 27 -8.98 -1.23 -20.95
N TYR A 28 -9.26 -0.26 -20.08
CA TYR A 28 -9.11 1.17 -20.40
C TYR A 28 -8.40 1.92 -19.28
N GLU A 29 -7.54 2.86 -19.65
CA GLU A 29 -7.05 3.82 -18.67
C GLU A 29 -8.15 4.84 -18.43
N TYR A 30 -8.61 5.46 -19.53
CA TYR A 30 -9.76 6.36 -19.48
C TYR A 30 -10.95 5.59 -20.01
N VAL A 31 -11.87 5.30 -19.11
CA VAL A 31 -13.06 4.53 -19.47
C VAL A 31 -14.03 5.43 -20.27
N PRO A 32 -14.47 4.97 -21.45
CA PRO A 32 -15.40 5.75 -22.25
C PRO A 32 -16.71 6.05 -21.52
N LEU A 33 -17.19 7.29 -21.67
CA LEU A 33 -18.46 7.69 -21.09
C LEU A 33 -19.58 6.69 -21.37
N GLN A 34 -19.67 6.20 -22.61
CA GLN A 34 -20.75 5.28 -22.97
C GLN A 34 -20.76 4.00 -22.14
N LEU A 35 -19.56 3.51 -21.81
CA LEU A 35 -19.41 2.31 -20.96
C LEU A 35 -19.70 2.58 -19.50
N ILE A 36 -19.28 3.75 -19.03
CA ILE A 36 -19.60 4.16 -17.68
C ILE A 36 -21.12 4.22 -17.55
N SER A 37 -21.78 4.88 -18.50
CA SER A 37 -23.25 5.00 -18.52
C SER A 37 -23.94 3.62 -18.59
N SER A 38 -23.53 2.79 -19.54
CA SER A 38 -24.16 1.48 -19.69
C SER A 38 -23.95 0.57 -18.47
N HIS A 39 -22.74 0.58 -17.89
CA HIS A 39 -22.45 -0.22 -16.69
C HIS A 39 -23.23 0.25 -15.46
N ALA A 40 -23.32 1.57 -15.28
CA ALA A 40 -23.94 2.14 -14.09
C ALA A 40 -25.47 2.17 -14.24
N ARG A 41 -25.95 1.91 -15.46
CA ARG A 41 -27.38 2.04 -15.80
C ARG A 41 -27.88 3.44 -15.44
N ILE A 42 -27.09 4.43 -15.83
CA ILE A 42 -27.41 5.85 -15.68
C ILE A 42 -27.23 6.46 -17.05
N GLY A 43 -28.21 7.26 -17.47
CA GLY A 43 -28.25 7.84 -18.82
C GLY A 43 -27.02 8.68 -19.09
N GLU A 44 -26.62 8.78 -20.35
CA GLU A 44 -25.35 9.45 -20.67
C GLU A 44 -25.26 10.89 -20.23
N GLU A 45 -26.36 11.65 -20.35
CA GLU A 45 -26.30 13.06 -19.98
C GLU A 45 -26.12 13.20 -18.46
N LYS A 46 -26.86 12.39 -17.70
CA LYS A 46 -26.74 12.38 -16.23
C LYS A 46 -25.36 11.89 -15.78
N ALA A 47 -24.89 10.81 -16.40
CA ALA A 47 -23.53 10.29 -16.12
C ALA A 47 -22.48 11.38 -16.37
N ARG A 48 -22.62 12.09 -17.49
CA ARG A 48 -21.70 13.20 -17.77
C ARG A 48 -21.73 14.27 -16.69
N ASN A 49 -22.93 14.63 -16.25
CA ASN A 49 -23.07 15.62 -15.17
C ASN A 49 -22.41 15.15 -13.87
N ILE A 50 -22.63 13.89 -13.53
CA ILE A 50 -21.99 13.30 -12.32
C ILE A 50 -20.45 13.37 -12.43
N LEU A 51 -19.91 12.97 -13.58
CA LEU A 51 -18.46 12.98 -13.80
C LEU A 51 -17.87 14.40 -13.77
N LYS A 52 -18.60 15.37 -14.31
CA LYS A 52 -18.17 16.77 -14.15
C LYS A 52 -18.07 17.19 -12.69
N TYR A 53 -19.05 16.85 -11.87
CA TYR A 53 -19.02 17.22 -10.45
C TYR A 53 -17.90 16.45 -9.72
N LEU A 54 -17.76 15.17 -10.03
CA LEU A 54 -16.66 14.41 -9.44
C LEU A 54 -15.30 14.97 -9.83
N SER A 55 -15.17 15.49 -11.06
CA SER A 55 -13.92 16.15 -11.44
C SER A 55 -13.70 17.45 -10.62
N ASP A 56 -14.79 18.16 -10.35
CA ASP A 56 -14.73 19.37 -9.51
C ASP A 56 -14.23 19.07 -8.09
N LEU A 57 -14.60 17.91 -7.59
CA LEU A 57 -14.20 17.40 -6.27
C LEU A 57 -12.84 16.68 -6.28
N ARG A 58 -12.21 16.61 -7.45
CA ARG A 58 -10.87 16.04 -7.64
C ARG A 58 -10.83 14.51 -7.45
N VAL A 59 -11.97 13.86 -7.72
CA VAL A 59 -12.16 12.42 -7.53
C VAL A 59 -11.87 11.69 -8.87
N VAL A 60 -12.22 12.33 -9.99
CA VAL A 60 -11.93 11.78 -11.34
C VAL A 60 -11.21 12.81 -12.18
N GLN A 61 -10.52 12.33 -13.20
CA GLN A 61 -9.94 13.17 -14.24
C GLN A 61 -10.63 12.79 -15.54
N ASN A 62 -11.20 13.79 -16.21
CA ASN A 62 -11.92 13.57 -17.46
C ASN A 62 -11.06 14.10 -18.60
N ARG A 63 -11.02 13.36 -19.69
CA ARG A 63 -10.29 13.79 -20.87
C ARG A 63 -11.20 13.72 -22.06
N GLN A 64 -10.86 14.49 -23.10
CA GLN A 64 -11.69 14.56 -24.30
C GLN A 64 -10.88 14.57 -25.60
N LYS A 65 -9.56 14.42 -25.52
CA LYS A 65 -8.68 14.56 -26.71
C LYS A 65 -9.12 13.64 -27.85
N ASP A 66 -9.24 12.35 -27.55
CA ASP A 66 -9.64 11.36 -28.54
C ASP A 66 -11.10 10.95 -28.35
N TYR A 67 -11.55 10.91 -27.11
CA TYR A 67 -12.95 10.55 -26.79
C TYR A 67 -13.26 10.97 -25.37
N GLU A 68 -14.52 10.96 -24.99
CA GLU A 68 -14.90 11.37 -23.64
C GLU A 68 -14.66 10.18 -22.72
N GLY A 69 -13.62 10.29 -21.89
CA GLY A 69 -13.22 9.21 -21.00
C GLY A 69 -12.84 9.72 -19.62
N SER A 70 -12.93 8.85 -18.63
CA SER A 70 -12.70 9.25 -17.24
C SER A 70 -11.86 8.20 -16.53
N THR A 71 -11.06 8.66 -15.57
CA THR A 71 -10.31 7.73 -14.73
C THR A 71 -10.24 8.30 -13.32
N PHE A 72 -9.79 7.49 -12.37
CA PHE A 72 -9.61 8.00 -11.00
C PHE A 72 -8.38 8.87 -10.90
N THR A 73 -8.46 9.88 -10.03
CA THR A 73 -7.27 10.48 -9.41
C THR A 73 -6.86 9.60 -8.23
N PHE A 74 -5.69 9.88 -7.65
CA PHE A 74 -5.31 9.17 -6.42
C PHE A 74 -6.36 9.33 -5.31
N ILE A 75 -6.82 10.57 -5.11
CA ILE A 75 -7.86 10.89 -4.12
C ILE A 75 -9.10 10.07 -4.41
N GLY A 76 -9.49 10.01 -5.68
CA GLY A 76 -10.70 9.29 -6.06
C GLY A 76 -10.60 7.78 -5.90
N LEU A 77 -9.47 7.21 -6.34
CA LEU A 77 -9.25 5.77 -6.17
C LEU A 77 -9.24 5.40 -4.67
N SER A 78 -8.58 6.24 -3.86
CA SER A 78 -8.54 6.06 -2.40
C SER A 78 -9.94 6.12 -1.80
N LEU A 79 -10.71 7.13 -2.21
CA LEU A 79 -12.08 7.30 -1.73
C LEU A 79 -12.94 6.07 -2.09
N TYR A 80 -12.81 5.60 -3.31
CA TYR A 80 -13.58 4.46 -3.76
C TYR A 80 -13.17 3.19 -2.98
N SER A 81 -11.87 3.04 -2.77
CA SER A 81 -11.37 1.87 -2.03
C SER A 81 -11.86 1.91 -0.57
N LEU A 82 -11.83 3.10 0.02
CA LEU A 82 -12.40 3.31 1.35
C LEU A 82 -13.87 2.90 1.36
N HIS A 83 -14.63 3.32 0.35
CA HIS A 83 -16.05 2.91 0.26
C HIS A 83 -16.21 1.39 0.29
N ARG A 84 -15.38 0.67 -0.47
CA ARG A 84 -15.43 -0.78 -0.51
C ARG A 84 -15.15 -1.36 0.88
N LEU A 85 -14.20 -0.76 1.59
CA LEU A 85 -13.89 -1.19 2.95
C LEU A 85 -15.04 -0.93 3.91
N VAL A 86 -15.70 0.21 3.75
CA VAL A 86 -16.85 0.58 4.61
C VAL A 86 -18.03 -0.38 4.31
N ARG A 87 -18.28 -0.59 3.02
CA ARG A 87 -19.42 -1.43 2.60
C ARG A 87 -19.25 -2.89 2.96
N SER A 88 -18.01 -3.33 3.16
CA SER A 88 -17.75 -4.70 3.60
C SER A 88 -17.70 -4.80 5.13
N GLY A 89 -17.89 -3.68 5.82
CA GLY A 89 -17.98 -3.68 7.28
C GLY A 89 -16.65 -3.76 7.98
N LYS A 90 -15.58 -3.50 7.23
CA LYS A 90 -14.19 -3.65 7.78
C LYS A 90 -13.72 -2.37 8.43
N VAL A 91 -14.29 -1.26 7.98
CA VAL A 91 -13.99 0.07 8.49
C VAL A 91 -15.30 0.77 8.79
N ASP A 92 -15.32 1.48 9.91
CA ASP A 92 -16.49 2.24 10.32
C ASP A 92 -16.30 3.71 10.06
N ALA A 93 -15.13 4.24 10.45
CA ALA A 93 -14.87 5.67 10.28
C ALA A 93 -13.44 5.82 9.84
N ILE A 94 -13.19 6.66 8.83
CA ILE A 94 -11.81 7.06 8.58
C ILE A 94 -11.42 8.16 9.57
N GLY A 95 -10.16 8.16 9.97
CA GLY A 95 -9.68 9.10 10.95
C GLY A 95 -8.62 10.00 10.34
N LYS A 96 -7.71 10.44 11.20
CA LYS A 96 -6.77 11.46 10.86
C LYS A 96 -5.65 10.92 9.99
N LEU A 97 -5.18 11.75 9.05
CA LEU A 97 -4.03 11.42 8.24
C LEU A 97 -2.83 11.21 9.16
N MET A 98 -2.11 10.12 8.98
CA MET A 98 -0.88 9.90 9.74
C MET A 98 0.30 10.52 9.00
N GLY A 99 0.35 10.33 7.68
CA GLY A 99 1.42 10.86 6.86
C GLY A 99 1.24 10.49 5.40
N GLU A 100 1.83 11.28 4.53
CA GLU A 100 1.73 11.05 3.10
C GLU A 100 3.09 11.37 2.52
N GLY A 101 3.47 10.63 1.48
CA GLY A 101 4.66 10.93 0.70
C GLY A 101 4.44 10.50 -0.72
N LYS A 102 5.55 10.19 -1.39
CA LYS A 102 5.54 9.90 -2.82
C LYS A 102 4.89 8.57 -3.20
N GLU A 103 4.81 7.63 -2.24
CA GLU A 103 4.31 6.28 -2.53
C GLU A 103 2.98 5.89 -1.88
N SER A 104 2.54 6.64 -0.87
CA SER A 104 1.32 6.28 -0.13
C SER A 104 0.84 7.44 0.71
N ALA A 105 -0.43 7.33 1.11
CA ALA A 105 -1.00 8.13 2.18
C ALA A 105 -1.52 7.15 3.22
N VAL A 106 -1.15 7.37 4.48
CA VAL A 106 -1.52 6.46 5.57
C VAL A 106 -2.44 7.17 6.55
N PHE A 107 -3.61 6.60 6.80
CA PHE A 107 -4.61 7.22 7.68
C PHE A 107 -4.86 6.32 8.86
N ASN A 108 -5.13 6.92 10.00
CA ASN A 108 -5.68 6.19 11.11
C ASN A 108 -7.12 5.86 10.83
N CYS A 109 -7.58 4.74 11.37
CA CYS A 109 -9.02 4.48 11.34
C CYS A 109 -9.44 3.53 12.46
N TYR A 110 -10.75 3.47 12.69
CA TYR A 110 -11.27 2.55 13.68
C TYR A 110 -12.24 1.57 13.05
N SER A 111 -12.11 0.33 13.48
CA SER A 111 -12.94 -0.78 13.06
C SER A 111 -13.52 -1.38 14.34
N GLU A 112 -14.84 -1.56 14.40
CA GLU A 112 -15.42 -2.26 15.55
C GLU A 112 -14.84 -3.66 15.67
N LYS A 113 -14.60 -4.32 14.53
CA LYS A 113 -14.04 -5.67 14.46
C LYS A 113 -12.53 -5.74 14.80
N PHE A 114 -11.76 -4.80 14.24
CA PHE A 114 -10.32 -4.94 14.30
C PHE A 114 -9.64 -3.97 15.24
N GLY A 115 -10.40 -3.00 15.74
CA GLY A 115 -9.88 -2.03 16.72
C GLY A 115 -9.22 -0.87 15.98
N GLU A 116 -8.18 -0.29 16.58
CA GLU A 116 -7.46 0.84 15.97
C GLU A 116 -6.48 0.36 14.89
N CYS A 117 -6.71 0.86 13.68
CA CYS A 117 -6.00 0.39 12.50
C CYS A 117 -5.35 1.53 11.79
N VAL A 118 -4.57 1.19 10.78
CA VAL A 118 -4.23 2.12 9.71
C VAL A 118 -4.75 1.59 8.39
N VAL A 119 -5.19 2.51 7.54
CA VAL A 119 -5.45 2.13 6.15
C VAL A 119 -4.40 2.86 5.32
N LYS A 120 -3.73 2.13 4.45
CA LYS A 120 -2.66 2.67 3.63
C LYS A 120 -3.17 2.69 2.18
N PHE A 121 -3.25 3.87 1.60
CA PHE A 121 -3.65 4.05 0.21
C PHE A 121 -2.41 4.15 -0.67
N HIS A 122 -2.32 3.26 -1.64
CA HIS A 122 -1.10 3.19 -2.51
C HIS A 122 -1.14 4.15 -3.70
N LYS A 123 -0.01 4.82 -3.97
CA LYS A 123 0.09 5.82 -5.06
C LYS A 123 0.73 5.36 -6.34
N VAL A 124 1.51 4.30 -6.31
CA VAL A 124 2.46 4.10 -7.42
C VAL A 124 2.65 2.64 -7.81
N LYS A 131 7.26 -5.43 -21.15
CA LYS A 131 8.30 -4.84 -20.30
C LYS A 131 9.12 -3.79 -21.07
N VAL A 132 8.61 -2.56 -21.07
CA VAL A 132 9.29 -1.46 -21.72
C VAL A 132 9.61 -0.41 -20.65
N LYS A 133 10.90 -0.12 -20.47
CA LYS A 133 11.32 0.93 -19.57
C LYS A 133 11.33 2.26 -20.31
N GLU A 134 10.41 3.16 -19.95
CA GLU A 134 10.37 4.48 -20.56
C GLU A 134 11.08 5.52 -19.71
N HIS A 142 -1.04 4.07 -16.58
CA HIS A 142 -2.03 3.20 -15.94
C HIS A 142 -1.96 3.31 -14.40
N PHE A 143 -2.06 4.55 -13.89
CA PHE A 143 -1.97 4.83 -12.46
C PHE A 143 -2.77 3.87 -11.60
N SER A 144 -4.06 3.77 -11.88
CA SER A 144 -4.95 3.02 -11.01
C SER A 144 -4.60 1.54 -11.01
N VAL A 145 -4.36 0.95 -12.19
CA VAL A 145 -4.08 -0.48 -12.25
C VAL A 145 -2.79 -0.82 -11.48
N LEU A 146 -1.80 0.05 -11.59
CA LEU A 146 -0.52 -0.15 -10.93
C LEU A 146 -0.66 0.03 -9.41
N ALA A 147 -1.44 1.02 -8.99
CA ALA A 147 -1.65 1.26 -7.52
C ALA A 147 -2.41 0.11 -6.86
N ILE A 148 -3.42 -0.40 -7.57
CA ILE A 148 -4.16 -1.56 -7.08
C ILE A 148 -3.23 -2.80 -6.98
N ARG A 149 -2.36 -2.99 -7.98
CA ARG A 149 -1.42 -4.12 -7.98
C ARG A 149 -0.47 -4.02 -6.79
N SER A 150 -0.05 -2.80 -6.49
CA SER A 150 0.84 -2.52 -5.35
C SER A 150 0.17 -2.90 -4.06
N ALA A 151 -1.07 -2.47 -3.89
CA ALA A 151 -1.84 -2.77 -2.67
C ALA A 151 -2.06 -4.29 -2.53
N ARG A 152 -2.41 -4.94 -3.62
CA ARG A 152 -2.70 -6.37 -3.57
C ARG A 152 -1.42 -7.12 -3.21
N ASN A 153 -0.28 -6.68 -3.76
CA ASN A 153 1.00 -7.31 -3.43
C ASN A 153 1.39 -7.19 -1.95
N GLU A 154 1.25 -5.98 -1.41
CA GLU A 154 1.48 -5.78 0.02
C GLU A 154 0.56 -6.66 0.86
N PHE A 155 -0.72 -6.73 0.49
CA PHE A 155 -1.66 -7.52 1.24
C PHE A 155 -1.24 -8.99 1.21
N ARG A 156 -0.88 -9.48 0.02
CA ARG A 156 -0.53 -10.90 -0.10
C ARG A 156 0.73 -11.24 0.69
N ALA A 157 1.73 -10.36 0.61
CA ALA A 157 2.95 -10.52 1.42
C ALA A 157 2.62 -10.56 2.92
N LEU A 158 1.80 -9.59 3.38
CA LEU A 158 1.44 -9.56 4.81
C LEU A 158 0.70 -10.82 5.22
N GLN A 159 -0.21 -11.31 4.38
CA GLN A 159 -0.90 -12.57 4.71
C GLN A 159 0.08 -13.74 4.89
N LYS A 160 1.03 -13.85 3.98
CA LYS A 160 1.99 -14.97 3.98
C LYS A 160 2.89 -14.92 5.19
N LEU A 161 3.05 -13.72 5.76
CA LEU A 161 4.00 -13.53 6.85
C LEU A 161 3.34 -13.46 8.23
N GLN A 162 2.05 -13.75 8.29
CA GLN A 162 1.33 -13.57 9.55
C GLN A 162 1.93 -14.46 10.61
N GLY A 163 2.06 -13.91 11.81
CA GLY A 163 2.70 -14.62 12.92
C GLY A 163 4.15 -14.23 13.08
N LEU A 164 4.70 -13.53 12.10
CA LEU A 164 6.03 -12.95 12.23
C LEU A 164 5.97 -11.49 12.68
N ALA A 165 7.10 -10.80 12.63
CA ALA A 165 7.19 -9.41 13.17
C ALA A 165 6.71 -8.41 12.13
N VAL A 166 5.43 -8.49 11.78
CA VAL A 166 4.80 -7.59 10.82
C VAL A 166 3.40 -7.25 11.36
N PRO A 167 2.79 -6.17 10.85
CA PRO A 167 1.41 -5.89 11.29
C PRO A 167 0.45 -7.02 10.92
N LYS A 168 -0.54 -7.28 11.77
CA LYS A 168 -1.67 -8.13 11.36
C LYS A 168 -2.37 -7.41 10.20
N VAL A 169 -2.79 -8.16 9.20
CA VAL A 169 -3.42 -7.53 8.03
C VAL A 169 -4.87 -7.94 8.01
N TYR A 170 -5.74 -6.99 7.68
CA TYR A 170 -7.18 -7.23 7.83
C TYR A 170 -7.98 -7.27 6.54
N ALA A 171 -7.58 -6.48 5.55
CA ALA A 171 -8.38 -6.38 4.31
C ALA A 171 -7.61 -5.67 3.23
N TRP A 172 -8.04 -5.89 1.99
CA TRP A 172 -7.48 -5.16 0.85
C TRP A 172 -8.67 -4.87 -0.08
N GLU A 173 -8.82 -3.61 -0.48
CA GLU A 173 -9.76 -3.25 -1.56
C GLU A 173 -9.07 -2.18 -2.40
N GLY A 174 -9.09 -2.34 -3.72
CA GLY A 174 -8.56 -1.28 -4.61
C GLY A 174 -7.11 -0.96 -4.31
N ASN A 175 -6.80 0.29 -3.98
CA ASN A 175 -5.42 0.68 -3.65
C ASN A 175 -5.20 0.71 -2.12
N ALA A 176 -6.13 0.15 -1.35
CA ALA A 176 -6.11 0.26 0.12
C ALA A 176 -5.80 -1.07 0.82
N VAL A 177 -4.93 -0.99 1.82
CA VAL A 177 -4.66 -2.13 2.69
C VAL A 177 -4.96 -1.71 4.14
N LEU A 178 -5.79 -2.50 4.82
CA LEU A 178 -6.18 -2.23 6.20
C LEU A 178 -5.37 -3.16 7.10
N MET A 179 -4.66 -2.60 8.08
CA MET A 179 -3.77 -3.39 8.91
C MET A 179 -3.70 -2.82 10.33
N GLU A 180 -3.08 -3.59 11.20
CA GLU A 180 -2.90 -3.23 12.59
C GLU A 180 -2.03 -1.98 12.72
N LEU A 181 -2.41 -1.08 13.63
CA LEU A 181 -1.56 0.07 13.98
C LEU A 181 -0.47 -0.44 14.90
N ILE A 182 0.78 -0.14 14.56
CA ILE A 182 1.92 -0.50 15.40
C ILE A 182 2.36 0.73 16.17
N ASP A 183 2.39 0.62 17.50
CA ASP A 183 2.87 1.73 18.32
C ASP A 183 4.39 1.67 18.40
N ALA A 184 5.05 2.13 17.34
CA ALA A 184 6.52 2.12 17.27
C ALA A 184 6.97 3.13 16.23
N LYS A 185 8.23 3.54 16.30
CA LYS A 185 8.70 4.63 15.45
C LYS A 185 9.69 4.05 14.47
N GLU A 186 9.92 4.74 13.36
CA GLU A 186 10.89 4.27 12.36
C GLU A 186 12.27 4.20 12.99
N LEU A 187 13.04 3.16 12.59
CA LEU A 187 14.38 2.95 13.15
C LEU A 187 15.22 4.20 12.95
N TYR A 188 15.02 4.84 11.81
CA TYR A 188 15.75 6.05 11.37
C TYR A 188 15.67 7.15 12.45
N ARG A 189 14.55 7.19 13.16
CA ARG A 189 14.27 8.20 14.19
C ARG A 189 14.66 7.82 15.62
N VAL A 190 15.11 6.58 15.81
CA VAL A 190 15.37 6.03 17.13
C VAL A 190 16.86 5.69 17.30
N ARG A 191 17.47 6.15 18.38
CA ARG A 191 18.83 5.74 18.71
C ARG A 191 18.73 4.52 19.61
N VAL A 192 19.30 3.39 19.18
CA VAL A 192 19.37 2.19 20.02
C VAL A 192 20.75 2.04 20.68
N GLU A 193 20.77 1.47 21.88
CA GLU A 193 22.01 1.27 22.64
C GLU A 193 22.52 -0.17 22.50
N ASN A 194 21.73 -1.03 21.85
CA ASN A 194 22.19 -2.35 21.49
C ASN A 194 22.02 -2.59 19.98
N PRO A 195 22.71 -1.79 19.14
CA PRO A 195 22.51 -1.90 17.68
C PRO A 195 22.88 -3.27 17.12
N ASP A 196 23.85 -3.95 17.71
CA ASP A 196 24.25 -5.23 17.17
C ASP A 196 23.13 -6.25 17.32
N GLU A 197 22.46 -6.23 18.47
CA GLU A 197 21.34 -7.13 18.71
C GLU A 197 20.16 -6.77 17.82
N VAL A 198 19.91 -5.47 17.66
CA VAL A 198 18.79 -5.00 16.80
C VAL A 198 18.99 -5.46 15.35
N LEU A 199 20.21 -5.27 14.84
CA LEU A 199 20.55 -5.72 13.48
C LEU A 199 20.34 -7.23 13.36
N ASP A 200 20.81 -7.98 14.36
CA ASP A 200 20.62 -9.44 14.32
C ASP A 200 19.13 -9.81 14.29
N MET A 201 18.29 -9.07 15.02
CA MET A 201 16.85 -9.36 15.06
C MET A 201 16.25 -9.10 13.67
N ILE A 202 16.71 -8.03 13.03
CA ILE A 202 16.21 -7.71 11.67
C ILE A 202 16.60 -8.82 10.70
N LEU A 203 17.88 -9.21 10.75
CA LEU A 203 18.40 -10.24 9.84
C LEU A 203 17.74 -11.59 10.09
N GLU A 204 17.41 -11.88 11.36
CA GLU A 204 16.64 -13.08 11.68
C GLU A 204 15.23 -13.06 11.05
N GLU A 205 14.58 -11.89 11.08
CA GLU A 205 13.28 -11.73 10.44
C GLU A 205 13.38 -11.89 8.93
N VAL A 206 14.44 -11.33 8.34
CA VAL A 206 14.69 -11.53 6.90
C VAL A 206 14.79 -13.02 6.58
N ALA A 207 15.51 -13.78 7.41
CA ALA A 207 15.63 -15.23 7.21
C ALA A 207 14.28 -15.91 7.34
N LYS A 208 13.46 -15.48 8.30
CA LYS A 208 12.13 -16.09 8.47
C LYS A 208 11.21 -15.78 7.27
N PHE A 209 11.29 -14.56 6.74
CA PHE A 209 10.52 -14.21 5.52
C PHE A 209 10.95 -15.12 4.36
N TYR A 210 12.26 -15.26 4.20
CA TYR A 210 12.82 -16.08 3.10
C TYR A 210 12.35 -17.54 3.21
N HIS A 211 12.34 -18.08 4.44
CA HIS A 211 11.81 -19.44 4.68
C HIS A 211 10.35 -19.56 4.23
N ARG A 212 9.60 -18.46 4.32
CA ARG A 212 8.21 -18.43 3.88
C ARG A 212 8.05 -18.07 2.41
N GLY A 213 9.18 -17.92 1.71
CA GLY A 213 9.24 -17.65 0.29
C GLY A 213 9.00 -16.19 -0.07
N ILE A 214 9.30 -15.27 0.85
CA ILE A 214 9.05 -13.85 0.62
C ILE A 214 10.36 -13.08 0.75
N VAL A 215 10.62 -12.20 -0.23
CA VAL A 215 11.67 -11.21 -0.12
C VAL A 215 11.04 -9.79 -0.01
N HIS A 216 11.40 -9.03 1.03
CA HIS A 216 10.80 -7.72 1.29
C HIS A 216 10.92 -6.71 0.13
N GLY A 217 12.14 -6.48 -0.35
CA GLY A 217 12.37 -5.65 -1.53
C GLY A 217 12.63 -4.17 -1.30
N ASP A 218 12.45 -3.69 -0.06
CA ASP A 218 12.74 -2.29 0.26
C ASP A 218 13.16 -2.15 1.70
N LEU A 219 13.95 -3.09 2.19
CA LEU A 219 14.33 -3.08 3.59
C LEU A 219 15.26 -1.90 3.83
N SER A 220 14.92 -1.11 4.84
CA SER A 220 15.67 0.09 5.14
C SER A 220 15.35 0.58 6.56
N GLN A 221 16.09 1.60 6.99
CA GLN A 221 15.84 2.27 8.24
C GLN A 221 14.46 2.94 8.29
N TYR A 222 13.80 3.08 7.16
CA TYR A 222 12.51 3.75 7.12
C TYR A 222 11.38 2.75 7.23
N ASN A 223 11.69 1.47 7.03
CA ASN A 223 10.68 0.41 7.02
C ASN A 223 10.81 -0.64 8.13
N VAL A 224 11.64 -0.33 9.12
CA VAL A 224 11.72 -1.12 10.35
C VAL A 224 11.21 -0.21 11.44
N LEU A 225 10.22 -0.69 12.18
CA LEU A 225 9.68 0.08 13.32
C LEU A 225 10.23 -0.51 14.61
N VAL A 226 10.54 0.36 15.57
CA VAL A 226 11.16 -0.13 16.79
C VAL A 226 10.51 0.48 18.01
N SER A 227 10.40 -0.36 19.03
CA SER A 227 10.11 0.14 20.36
C SER A 227 10.89 -0.68 21.36
N GLU A 228 10.84 -0.24 22.62
CA GLU A 228 11.36 -1.02 23.71
C GLU A 228 10.95 -2.48 23.58
N GLU A 229 9.76 -2.72 23.00
CA GLU A 229 9.16 -4.07 22.94
C GLU A 229 9.67 -4.98 21.82
N GLY A 230 10.26 -4.40 20.79
CA GLY A 230 10.84 -5.22 19.74
C GLY A 230 10.83 -4.47 18.43
N ILE A 231 10.94 -5.24 17.34
CA ILE A 231 10.95 -4.64 16.00
C ILE A 231 9.80 -5.19 15.17
N TRP A 232 9.34 -4.39 14.22
CA TRP A 232 8.37 -4.83 13.23
C TRP A 232 8.91 -4.39 11.88
N ILE A 233 8.55 -5.12 10.84
CA ILE A 233 8.92 -4.67 9.52
C ILE A 233 7.62 -4.36 8.76
N ILE A 234 7.64 -3.27 8.01
CA ILE A 234 6.47 -2.82 7.25
C ILE A 234 6.85 -2.52 5.78
N ASP A 235 5.84 -2.19 4.98
CA ASP A 235 6.03 -1.67 3.61
C ASP A 235 6.47 -2.73 2.60
N PHE A 236 5.49 -3.52 2.17
CA PHE A 236 5.69 -4.69 1.30
C PHE A 236 5.20 -4.61 -0.16
N PRO A 237 4.94 -3.41 -0.72
CA PRO A 237 4.42 -3.44 -2.09
C PRO A 237 5.47 -3.87 -3.13
N GLN A 238 6.75 -3.74 -2.79
CA GLN A 238 7.85 -4.12 -3.68
C GLN A 238 8.28 -5.57 -3.48
N SER A 239 7.60 -6.29 -2.59
CA SER A 239 8.04 -7.65 -2.24
C SER A 239 7.95 -8.58 -3.45
N VAL A 240 8.80 -9.61 -3.45
CA VAL A 240 8.72 -10.65 -4.48
C VAL A 240 8.70 -12.02 -3.82
N GLU A 241 8.23 -13.03 -4.56
CA GLU A 241 8.33 -14.41 -4.12
C GLU A 241 9.68 -14.96 -4.49
N VAL A 242 10.23 -15.77 -3.60
CA VAL A 242 11.45 -16.52 -3.91
C VAL A 242 11.18 -17.37 -5.18
N GLY A 243 12.08 -17.24 -6.15
CA GLY A 243 11.93 -17.91 -7.44
C GLY A 243 11.61 -16.94 -8.57
N GLU A 244 11.02 -15.80 -8.23
CA GLU A 244 10.74 -14.74 -9.22
C GLU A 244 12.01 -14.09 -9.76
N GLU A 245 11.99 -13.60 -10.99
CA GLU A 245 13.20 -13.02 -11.57
C GLU A 245 13.85 -11.98 -10.66
N GLY A 246 15.13 -12.19 -10.38
CA GLY A 246 15.94 -11.22 -9.63
C GLY A 246 15.76 -11.33 -8.11
N TRP A 247 14.98 -12.30 -7.64
CA TRP A 247 14.70 -12.41 -6.19
C TRP A 247 15.99 -12.45 -5.35
N ARG A 248 17.01 -13.15 -5.84
CA ARG A 248 18.23 -13.36 -5.04
C ARG A 248 18.98 -12.05 -4.88
N GLU A 249 19.04 -11.28 -5.96
CA GLU A 249 19.75 -9.99 -5.95
C GLU A 249 18.95 -8.99 -5.11
N ILE A 250 17.63 -9.11 -5.15
CA ILE A 250 16.76 -8.23 -4.33
C ILE A 250 16.97 -8.55 -2.84
N LEU A 251 17.07 -9.83 -2.50
CA LEU A 251 17.36 -10.24 -1.11
C LEU A 251 18.71 -9.71 -0.67
N GLU A 252 19.74 -9.92 -1.52
CA GLU A 252 21.07 -9.43 -1.20
C GLU A 252 21.07 -7.94 -0.94
N ARG A 253 20.33 -7.20 -1.77
CA ARG A 253 20.20 -5.77 -1.59
C ARG A 253 19.61 -5.40 -0.24
N ASP A 254 18.53 -6.09 0.16
CA ASP A 254 17.89 -5.84 1.47
C ASP A 254 18.92 -6.02 2.60
N VAL A 255 19.66 -7.10 2.55
CA VAL A 255 20.65 -7.42 3.59
C VAL A 255 21.78 -6.38 3.54
N ARG A 256 22.29 -6.09 2.35
CA ARG A 256 23.38 -5.13 2.21
C ARG A 256 22.96 -3.75 2.72
N ASN A 257 21.75 -3.32 2.37
CA ASN A 257 21.31 -2.00 2.73
C ASN A 257 21.12 -1.85 4.24
N ILE A 258 20.52 -2.84 4.88
CA ILE A 258 20.30 -2.71 6.34
C ILE A 258 21.64 -2.78 7.10
N ILE A 259 22.55 -3.65 6.66
CA ILE A 259 23.86 -3.72 7.33
C ILE A 259 24.64 -2.42 7.12
N THR A 260 24.57 -1.87 5.91
CA THR A 260 25.20 -0.58 5.63
C THR A 260 24.66 0.56 6.49
N TYR A 261 23.35 0.56 6.72
CA TYR A 261 22.76 1.55 7.58
C TYR A 261 23.39 1.44 8.98
N PHE A 262 23.46 0.22 9.50
CA PHE A 262 24.01 0.03 10.87
C PHE A 262 25.50 0.37 10.92
N SER A 263 26.21 0.05 9.85
CA SER A 263 27.63 0.42 9.76
C SER A 263 27.82 1.94 9.84
N ARG A 264 27.08 2.69 9.02
CA ARG A 264 27.21 4.16 9.01
C ARG A 264 26.78 4.80 10.32
N THR A 265 25.69 4.32 10.89
CA THR A 265 25.09 4.95 12.08
C THR A 265 25.75 4.54 13.40
N TYR A 266 26.15 3.28 13.52
CA TYR A 266 26.62 2.69 14.76
C TYR A 266 27.99 2.09 14.69
N ARG A 267 28.57 2.03 13.48
CA ARG A 267 29.82 1.29 13.26
C ARG A 267 29.78 -0.17 13.67
N THR A 268 28.62 -0.80 13.52
CA THR A 268 28.55 -2.20 13.76
C THR A 268 29.43 -2.88 12.72
N GLU A 269 30.04 -3.98 13.12
CA GLU A 269 30.87 -4.78 12.25
C GLU A 269 30.09 -6.04 11.98
N LYS A 270 29.59 -6.14 10.76
CA LYS A 270 28.86 -7.31 10.34
C LYS A 270 29.24 -7.55 8.90
N ASP A 271 29.73 -8.75 8.62
CA ASP A 271 30.16 -9.06 7.28
C ASP A 271 28.94 -9.34 6.40
N ILE A 272 28.80 -8.55 5.34
CA ILE A 272 27.61 -8.63 4.47
C ILE A 272 27.53 -9.99 3.75
N ASN A 273 28.64 -10.43 3.15
CA ASN A 273 28.68 -11.75 2.48
C ASN A 273 28.27 -12.91 3.38
N SER A 274 28.85 -12.98 4.58
CA SER A 274 28.49 -14.05 5.50
C SER A 274 27.05 -13.96 5.95
N ALA A 275 26.56 -12.72 6.13
CA ALA A 275 25.17 -12.52 6.57
C ALA A 275 24.21 -13.04 5.48
N ILE A 276 24.51 -12.73 4.23
CA ILE A 276 23.70 -13.19 3.10
C ILE A 276 23.77 -14.72 3.01
N ASP A 277 24.99 -15.25 3.09
CA ASP A 277 25.17 -16.70 2.98
C ASP A 277 24.49 -17.47 4.09
N ARG A 278 24.49 -16.92 5.30
CA ARG A 278 23.78 -17.53 6.41
C ARG A 278 22.28 -17.59 6.15
N ILE A 279 21.71 -16.49 5.67
CA ILE A 279 20.29 -16.45 5.38
C ILE A 279 19.94 -17.49 4.31
N LEU A 280 20.74 -17.52 3.24
CA LEU A 280 20.42 -18.31 2.05
C LEU A 280 20.58 -19.82 2.22
N GLN A 281 21.35 -20.25 3.22
CA GLN A 281 21.61 -21.70 3.41
C GLN A 281 20.56 -22.40 4.25
MN MN B . 8.19 3.05 3.87
PB ADP C . 5.74 4.25 2.12
O1B ADP C . 6.98 4.62 2.90
O2B ADP C . 4.88 5.40 1.71
O3B ADP C . 6.04 3.30 1.01
PA ADP C . 5.00 2.77 4.55
O1A ADP C . 4.28 1.45 4.62
O2A ADP C . 6.45 2.78 4.91
O3A ADP C . 4.72 3.42 3.10
O5' ADP C . 4.21 3.77 5.51
C5' ADP C . 4.56 5.15 5.61
C4' ADP C . 4.72 5.51 7.07
O4' ADP C . 3.46 5.37 7.76
C3' ADP C . 5.67 4.57 7.79
O3' ADP C . 7.07 4.92 7.69
C2' ADP C . 5.18 4.57 9.22
O2' ADP C . 5.75 5.68 9.93
C1' ADP C . 3.68 4.76 9.03
N9 ADP C . 3.00 3.43 9.07
C8 ADP C . 2.69 2.66 8.00
N7 ADP C . 2.09 1.50 8.37
C5 ADP C . 2.01 1.55 9.72
C6 ADP C . 1.47 0.65 10.76
N6 ADP C . 0.91 -0.53 10.40
N1 ADP C . 1.58 1.08 12.05
C2 ADP C . 2.15 2.24 12.40
N3 ADP C . 2.67 3.11 11.51
C4 ADP C . 2.61 2.80 10.17
C1 EDO D . 5.04 -11.19 -2.86
O1 EDO D . 4.87 -11.14 -4.28
C2 EDO D . 3.69 -11.48 -2.21
O2 EDO D . 3.11 -12.65 -2.79
C1 EDO E . 1.07 -10.25 13.11
O1 EDO E . 1.11 -11.13 11.99
C2 EDO E . 1.70 -10.94 14.30
O2 EDO E . 2.67 -11.86 13.80
#